data_6WKT
#
_entry.id   6WKT
#
_cell.length_a   1.00
_cell.length_b   1.00
_cell.length_c   1.00
_cell.angle_alpha   90.00
_cell.angle_beta   90.00
_cell.angle_gamma   90.00
#
_symmetry.space_group_name_H-M   'P 1'
#
_entity_poly.entity_id   1
_entity_poly.type   'polypeptide(L)'
_entity_poly.pdbx_seq_one_letter_code
;MEQYSEACIEACIDCMKACNHCFTKCLEESVQHHLSGCIRLDRECADICALAVKAMQTDSPFMKEICALCADICEACGTE
CGKHDHDHCQACAKACFTCAEQCRSMAA
;
_entity_poly.pdbx_strand_id   A,B,C,D
#
# COMPACT_ATOMS: atom_id res chain seq x y z
N GLN A 3 -4.02 -21.10 -9.51
CA GLN A 3 -4.98 -21.67 -8.57
C GLN A 3 -4.27 -22.40 -7.45
N TYR A 4 -2.95 -22.55 -7.58
CA TYR A 4 -2.15 -23.25 -6.58
C TYR A 4 -1.81 -22.39 -5.38
N SER A 5 -2.17 -21.10 -5.39
CA SER A 5 -1.99 -20.22 -4.25
C SER A 5 -3.30 -19.59 -3.80
N GLU A 6 -4.43 -20.07 -4.32
CA GLU A 6 -5.73 -19.46 -4.01
C GLU A 6 -6.14 -19.69 -2.57
N ALA A 7 -5.79 -20.84 -2.00
CA ALA A 7 -6.05 -21.09 -0.59
C ALA A 7 -5.26 -20.14 0.29
N CYS A 8 -4.00 -19.88 -0.08
CA CYS A 8 -3.19 -18.90 0.66
C CYS A 8 -3.70 -17.48 0.45
N ILE A 9 -4.28 -17.19 -0.72
CA ILE A 9 -4.85 -15.86 -0.98
C ILE A 9 -6.06 -15.63 -0.08
N GLU A 10 -6.96 -16.62 0.00
CA GLU A 10 -8.14 -16.48 0.85
C GLU A 10 -7.77 -16.47 2.33
N ALA A 11 -6.75 -17.24 2.72
CA ALA A 11 -6.29 -17.21 4.10
C ALA A 11 -5.65 -15.87 4.45
N CYS A 12 -4.93 -15.27 3.52
CA CYS A 12 -4.32 -13.97 3.79
C CYS A 12 -5.35 -12.85 3.76
N ILE A 13 -6.42 -13.00 2.98
CA ILE A 13 -7.49 -12.00 3.01
C ILE A 13 -8.24 -12.06 4.33
N ASP A 14 -8.51 -13.28 4.83
CA ASP A 14 -9.11 -13.44 6.16
C ASP A 14 -8.18 -12.93 7.25
N CYS A 15 -6.87 -13.10 7.08
CA CYS A 15 -5.92 -12.58 8.06
C CYS A 15 -5.81 -11.06 8.02
N MET A 16 -5.93 -10.46 6.82
CA MET A 16 -6.03 -9.02 6.69
C MET A 16 -7.24 -8.47 7.44
N LYS A 17 -8.40 -9.12 7.23
CA LYS A 17 -9.63 -8.68 7.87
C LYS A 17 -9.55 -8.83 9.38
N ALA A 18 -8.94 -9.93 9.86
CA ALA A 18 -8.82 -10.14 11.29
C ALA A 18 -7.84 -9.16 11.92
N CYS A 19 -6.75 -8.84 11.22
CA CYS A 19 -5.78 -7.89 11.77
C CYS A 19 -6.34 -6.48 11.79
N ASN A 20 -7.09 -6.09 10.75
CA ASN A 20 -7.70 -4.76 10.74
C ASN A 20 -8.81 -4.64 11.78
N HIS A 21 -9.57 -5.73 11.99
CA HIS A 21 -10.59 -5.73 13.02
C HIS A 21 -9.98 -5.67 14.42
N CYS A 22 -8.87 -6.36 14.64
CA CYS A 22 -8.19 -6.28 15.93
C CYS A 22 -7.55 -4.91 16.14
N PHE A 23 -7.08 -4.27 15.06
CA PHE A 23 -6.58 -2.90 15.12
C PHE A 23 -7.67 -1.93 15.56
N THR A 24 -8.81 -1.96 14.87
CA THR A 24 -9.91 -1.06 15.21
C THR A 24 -10.48 -1.31 16.60
N LYS A 25 -10.67 -2.58 16.98
CA LYS A 25 -11.22 -2.86 18.29
C LYS A 25 -10.19 -2.72 19.41
N CYS A 26 -8.89 -2.69 19.08
CA CYS A 26 -7.91 -2.30 20.09
C CYS A 26 -7.82 -0.79 20.21
N LEU A 27 -8.08 -0.03 19.13
CA LEU A 27 -8.08 1.42 19.23
C LEU A 27 -9.33 1.95 19.91
N GLU A 28 -10.41 1.17 19.89
CA GLU A 28 -11.64 1.65 20.52
C GLU A 28 -11.55 1.60 22.04
N GLU A 29 -11.04 0.50 22.59
CA GLU A 29 -10.90 0.37 24.03
C GLU A 29 -9.76 1.24 24.52
N SER A 30 -9.82 1.63 25.79
CA SER A 30 -8.95 2.68 26.30
C SER A 30 -8.14 2.29 27.54
N VAL A 31 -8.70 1.49 28.44
CA VAL A 31 -8.11 1.35 29.76
C VAL A 31 -6.97 0.32 29.77
N GLN A 32 -7.06 -0.74 28.97
CA GLN A 32 -6.00 -1.76 28.94
C GLN A 32 -4.63 -1.28 28.42
N HIS A 33 -4.73 -0.44 27.40
CA HIS A 33 -3.67 0.01 26.48
C HIS A 33 -3.27 -1.05 25.45
N HIS A 34 -3.83 -2.26 25.60
CA HIS A 34 -3.84 -3.35 24.61
C HIS A 34 -2.44 -3.75 24.11
N LEU A 35 -1.38 -3.46 24.88
CA LEU A 35 -0.02 -3.90 24.61
C LEU A 35 0.45 -3.46 23.21
N SER A 36 0.65 -2.14 23.07
CA SER A 36 0.77 -1.38 21.82
C SER A 36 1.60 -2.01 20.70
N GLY A 37 2.56 -2.86 21.07
CA GLY A 37 3.15 -3.78 20.11
C GLY A 37 2.15 -4.66 19.37
N CYS A 38 1.01 -4.97 20.01
CA CYS A 38 -0.07 -5.66 19.30
C CYS A 38 -0.63 -4.78 18.18
N ILE A 39 -0.80 -3.49 18.45
CA ILE A 39 -1.29 -2.56 17.43
C ILE A 39 -0.26 -2.42 16.31
N ARG A 40 0.99 -2.17 16.57
CA ARG A 40 2.03 -2.05 15.56
C ARG A 40 2.20 -3.32 14.76
N LEU A 41 2.14 -4.48 15.43
CA LEU A 41 2.27 -5.75 14.72
C LEU A 41 1.02 -6.06 13.90
N ASP A 42 -0.16 -5.64 14.35
CA ASP A 42 -1.37 -5.83 13.56
C ASP A 42 -1.34 -4.98 12.30
N ARG A 43 -0.83 -3.74 12.41
CA ARG A 43 -0.68 -2.90 11.23
C ARG A 43 0.33 -3.47 10.26
N GLU A 44 1.50 -3.88 10.75
CA GLU A 44 2.53 -4.41 9.86
C GLU A 44 2.12 -5.75 9.27
N CYS A 45 1.35 -6.56 10.00
CA CYS A 45 0.87 -7.82 9.48
C CYS A 45 -0.20 -7.62 8.42
N ALA A 46 -1.09 -6.64 8.62
CA ALA A 46 -2.09 -6.34 7.60
C ALA A 46 -1.45 -5.77 6.34
N ASP A 47 -0.37 -5.00 6.50
CA ASP A 47 0.30 -4.44 5.32
C ASP A 47 1.11 -5.50 4.57
N ILE A 48 1.79 -6.39 5.28
CA ILE A 48 2.54 -7.44 4.58
C ILE A 48 1.58 -8.48 4.00
N CYS A 49 0.40 -8.66 4.59
CA CYS A 49 -0.57 -9.58 3.99
C CYS A 49 -1.27 -8.96 2.80
N ALA A 50 -1.47 -7.64 2.81
CA ALA A 50 -1.96 -6.95 1.61
C ALA A 50 -0.95 -7.03 0.48
N LEU A 51 0.34 -6.86 0.79
CA LEU A 51 1.37 -7.03 -0.23
C LEU A 51 1.47 -8.48 -0.70
N ALA A 52 1.27 -9.45 0.20
CA ALA A 52 1.34 -10.85 -0.19
C ALA A 52 0.16 -11.23 -1.07
N VAL A 53 -1.02 -10.68 -0.79
CA VAL A 53 -2.18 -10.88 -1.65
C VAL A 53 -1.93 -10.25 -3.02
N LYS A 54 -1.33 -9.05 -3.03
CA LYS A 54 -1.02 -8.39 -4.30
C LYS A 54 0.02 -9.15 -5.10
N ALA A 55 0.98 -9.79 -4.42
CA ALA A 55 2.03 -10.50 -5.13
C ALA A 55 1.57 -11.88 -5.59
N MET A 56 0.67 -12.51 -4.85
CA MET A 56 0.13 -13.79 -5.29
C MET A 56 -0.93 -13.63 -6.37
N GLN A 57 -1.66 -12.52 -6.35
CA GLN A 57 -2.66 -12.27 -7.38
C GLN A 57 -2.06 -11.76 -8.69
N THR A 58 -0.83 -11.25 -8.65
CA THR A 58 -0.17 -10.74 -9.84
C THR A 58 0.85 -11.70 -10.44
N ASP A 59 1.03 -12.87 -9.81
CA ASP A 59 1.99 -13.91 -10.24
C ASP A 59 3.40 -13.36 -10.33
N SER A 60 3.85 -12.73 -9.24
CA SER A 60 5.16 -12.12 -9.20
C SER A 60 6.25 -13.19 -9.09
N PRO A 61 7.46 -12.92 -9.59
CA PRO A 61 8.57 -13.87 -9.39
C PRO A 61 9.12 -13.90 -7.97
N PHE A 62 8.65 -13.02 -7.08
CA PHE A 62 9.07 -13.01 -5.68
C PHE A 62 7.93 -13.41 -4.77
N MET A 63 7.16 -14.43 -5.19
CA MET A 63 6.02 -14.88 -4.42
C MET A 63 6.45 -15.60 -3.15
N LYS A 64 7.47 -16.47 -3.25
CA LYS A 64 7.85 -17.30 -2.13
C LYS A 64 8.54 -16.50 -1.03
N GLU A 65 9.33 -15.49 -1.41
CA GLU A 65 10.04 -14.69 -0.40
C GLU A 65 9.08 -13.79 0.36
N ILE A 66 8.11 -13.19 -0.35
CA ILE A 66 7.09 -12.37 0.31
C ILE A 66 6.21 -13.25 1.19
N CYS A 67 5.93 -14.48 0.74
CA CYS A 67 5.14 -15.39 1.57
C CYS A 67 5.90 -15.89 2.79
N ALA A 68 7.22 -16.05 2.69
CA ALA A 68 8.01 -16.45 3.86
C ALA A 68 8.10 -15.31 4.88
N LEU A 69 8.28 -14.07 4.40
CA LEU A 69 8.25 -12.91 5.29
C LEU A 69 6.87 -12.74 5.93
N CYS A 70 5.81 -12.98 5.16
CA CYS A 70 4.46 -12.92 5.71
C CYS A 70 4.23 -14.02 6.73
N ALA A 71 4.85 -15.18 6.54
CA ALA A 71 4.78 -16.26 7.53
C ALA A 71 5.45 -15.87 8.83
N ASP A 72 6.63 -15.23 8.74
CA ASP A 72 7.33 -14.77 9.95
C ASP A 72 6.54 -13.70 10.68
N ILE A 73 6.00 -12.71 9.96
CA ILE A 73 5.25 -11.63 10.59
C ILE A 73 3.94 -12.15 11.16
N CYS A 74 3.31 -13.12 10.49
CA CYS A 74 2.07 -13.68 10.99
C CYS A 74 2.30 -14.55 12.22
N GLU A 75 3.43 -15.29 12.26
CA GLU A 75 3.80 -16.03 13.47
C GLU A 75 4.01 -15.09 14.65
N ALA A 76 4.72 -13.96 14.43
CA ALA A 76 4.96 -13.03 15.53
C ALA A 76 3.68 -12.31 15.97
N CYS A 77 2.82 -11.96 15.00
CA CYS A 77 1.57 -11.28 15.34
C CYS A 77 0.61 -12.20 16.06
N GLY A 78 0.59 -13.49 15.69
CA GLY A 78 -0.22 -14.44 16.41
C GLY A 78 0.30 -14.72 17.81
N THR A 79 1.63 -14.80 17.95
CA THR A 79 2.21 -15.05 19.27
C THR A 79 2.05 -13.86 20.20
N GLU A 80 1.97 -12.65 19.64
CA GLU A 80 1.73 -11.48 20.49
C GLU A 80 0.25 -11.21 20.76
N CYS A 81 -0.63 -11.56 19.82
CA CYS A 81 -2.06 -11.36 20.04
C CYS A 81 -2.70 -12.48 20.85
N GLY A 82 -2.06 -13.65 20.93
CA GLY A 82 -2.60 -14.73 21.74
C GLY A 82 -2.46 -14.52 23.24
N LYS A 83 -1.69 -13.53 23.67
CA LYS A 83 -1.51 -13.24 25.08
C LYS A 83 -2.61 -12.34 25.65
N HIS A 84 -3.65 -12.07 24.88
CA HIS A 84 -4.70 -11.15 25.29
C HIS A 84 -6.01 -11.90 25.55
N ASP A 85 -6.90 -11.28 26.30
CA ASP A 85 -8.14 -11.91 26.74
C ASP A 85 -9.33 -11.54 25.85
N HIS A 86 -9.18 -10.55 24.98
CA HIS A 86 -10.28 -10.12 24.14
C HIS A 86 -10.52 -11.13 23.02
N ASP A 87 -11.78 -11.20 22.59
CA ASP A 87 -12.18 -12.18 21.58
C ASP A 87 -11.65 -11.85 20.19
N HIS A 88 -11.60 -10.55 19.86
CA HIS A 88 -11.05 -10.15 18.57
C HIS A 88 -9.56 -10.42 18.48
N CYS A 89 -8.84 -10.32 19.60
CA CYS A 89 -7.42 -10.66 19.60
C CYS A 89 -7.20 -12.16 19.44
N GLN A 90 -8.08 -12.98 20.01
CA GLN A 90 -7.98 -14.43 19.83
C GLN A 90 -8.33 -14.83 18.40
N ALA A 91 -9.31 -14.16 17.80
CA ALA A 91 -9.62 -14.41 16.38
C ALA A 91 -8.47 -13.97 15.49
N CYS A 92 -7.83 -12.85 15.82
CA CYS A 92 -6.66 -12.38 15.09
C CYS A 92 -5.50 -13.35 15.20
N ALA A 93 -5.29 -13.92 16.40
CA ALA A 93 -4.22 -14.88 16.59
C ALA A 93 -4.49 -16.19 15.85
N LYS A 94 -5.74 -16.64 15.83
CA LYS A 94 -6.08 -17.87 15.12
C LYS A 94 -5.94 -17.69 13.61
N ALA A 95 -6.39 -16.56 13.08
CA ALA A 95 -6.22 -16.28 11.65
C ALA A 95 -4.76 -16.08 11.29
N CYS A 96 -3.96 -15.51 12.19
CA CYS A 96 -2.54 -15.31 11.91
C CYS A 96 -1.78 -16.62 11.91
N PHE A 97 -2.12 -17.52 12.83
CA PHE A 97 -1.47 -18.83 12.82
C PHE A 97 -1.91 -19.69 11.65
N THR A 98 -3.17 -19.56 11.21
CA THR A 98 -3.62 -20.25 10.01
C THR A 98 -2.91 -19.73 8.77
N CYS A 99 -2.78 -18.41 8.64
CA CYS A 99 -2.04 -17.83 7.51
C CYS A 99 -0.55 -18.16 7.59
N ALA A 100 -0.02 -18.30 8.81
CA ALA A 100 1.39 -18.63 8.97
C ALA A 100 1.68 -20.06 8.55
N GLU A 101 0.83 -21.02 8.98
CA GLU A 101 1.05 -22.39 8.55
C GLU A 101 0.74 -22.57 7.07
N GLN A 102 -0.17 -21.77 6.51
CA GLN A 102 -0.43 -21.83 5.08
C GLN A 102 0.75 -21.29 4.26
N CYS A 103 1.36 -20.19 4.72
CA CYS A 103 2.51 -19.63 4.01
C CYS A 103 3.76 -20.49 4.19
N ARG A 104 3.90 -21.16 5.35
CA ARG A 104 5.04 -22.06 5.54
C ARG A 104 4.87 -23.35 4.76
N SER A 105 3.62 -23.84 4.59
CA SER A 105 3.38 -25.00 3.74
C SER A 105 3.45 -24.63 2.27
N MET A 106 3.25 -23.37 1.94
CA MET A 106 3.29 -22.93 0.55
C MET A 106 4.73 -22.76 0.06
N ALA A 107 5.49 -21.89 0.70
CA ALA A 107 6.87 -21.61 0.29
C ALA A 107 7.76 -22.78 0.68
N ALA A 108 8.58 -23.23 -0.26
CA ALA A 108 9.48 -24.36 -0.01
C ALA A 108 10.72 -24.25 -0.88
N GLN B 3 -21.09 -4.33 9.37
CA GLN B 3 -21.66 -5.29 8.43
C GLN B 3 -22.39 -4.58 7.29
N TYR B 4 -22.56 -3.27 7.44
CA TYR B 4 -23.26 -2.47 6.44
C TYR B 4 -22.40 -2.11 5.24
N SER B 5 -21.10 -2.46 5.27
CA SER B 5 -20.22 -2.25 4.13
C SER B 5 -19.57 -3.56 3.67
N GLU B 6 -20.03 -4.70 4.18
CA GLU B 6 -19.42 -5.99 3.88
C GLU B 6 -19.62 -6.39 2.42
N ALA B 7 -20.78 -6.05 1.85
CA ALA B 7 -21.02 -6.31 0.43
C ALA B 7 -20.07 -5.49 -0.44
N CYS B 8 -19.82 -4.24 -0.06
CA CYS B 8 -18.86 -3.42 -0.79
C CYS B 8 -17.44 -3.91 -0.56
N ILE B 9 -17.14 -4.49 0.60
CA ILE B 9 -15.81 -5.04 0.86
C ILE B 9 -15.56 -6.25 -0.04
N GLU B 10 -16.54 -7.16 -0.14
CA GLU B 10 -16.37 -8.33 -0.98
C GLU B 10 -16.36 -7.96 -2.46
N ALA B 11 -17.14 -6.94 -2.85
CA ALA B 11 -17.11 -6.47 -4.23
C ALA B 11 -15.78 -5.82 -4.58
N CYS B 12 -15.19 -5.09 -3.63
CA CYS B 12 -13.90 -4.46 -3.89
C CYS B 12 -12.77 -5.48 -3.85
N ILE B 13 -12.90 -6.56 -3.09
CA ILE B 13 -11.89 -7.62 -3.12
C ILE B 13 -11.94 -8.36 -4.45
N ASP B 14 -13.15 -8.64 -4.95
CA ASP B 14 -13.30 -9.23 -6.28
C ASP B 14 -12.79 -8.30 -7.37
N CYS B 15 -12.98 -6.99 -7.19
CA CYS B 15 -12.47 -6.02 -8.16
C CYS B 15 -10.94 -5.90 -8.10
N MET B 16 -10.35 -6.03 -6.91
CA MET B 16 -8.91 -6.10 -6.77
C MET B 16 -8.35 -7.30 -7.52
N LYS B 17 -8.98 -8.47 -7.32
CA LYS B 17 -8.51 -9.69 -7.98
C LYS B 17 -8.66 -9.61 -9.49
N ALA B 18 -9.76 -9.01 -9.96
CA ALA B 18 -9.97 -8.88 -11.39
C ALA B 18 -8.99 -7.89 -12.02
N CYS B 19 -8.70 -6.79 -11.32
CA CYS B 19 -7.76 -5.81 -11.85
C CYS B 19 -6.33 -6.35 -11.86
N ASN B 20 -5.94 -7.10 -10.83
CA ASN B 20 -4.61 -7.70 -10.81
C ASN B 20 -4.48 -8.79 -11.86
N HIS B 21 -5.56 -9.57 -12.07
CA HIS B 21 -5.52 -10.59 -13.11
C HIS B 21 -5.46 -9.97 -14.50
N CYS B 22 -6.17 -8.86 -14.72
CA CYS B 22 -6.10 -8.17 -16.00
C CYS B 22 -4.73 -7.52 -16.20
N PHE B 23 -4.10 -7.05 -15.12
CA PHE B 23 -2.74 -6.53 -15.17
C PHE B 23 -1.75 -7.61 -15.61
N THR B 24 -1.77 -8.75 -14.93
CA THR B 24 -0.86 -9.83 -15.27
C THR B 24 -1.10 -10.40 -16.66
N LYS B 25 -2.36 -10.61 -17.06
CA LYS B 25 -2.62 -11.15 -18.38
C LYS B 25 -2.49 -10.11 -19.48
N CYS B 26 -2.47 -8.82 -19.15
CA CYS B 26 -2.09 -7.83 -20.14
C CYS B 26 -0.58 -7.72 -20.27
N LEU B 27 0.17 -7.97 -19.18
CA LEU B 27 1.62 -7.95 -19.27
C LEU B 27 2.17 -9.19 -19.96
N GLU B 28 1.41 -10.29 -19.94
CA GLU B 28 1.90 -11.50 -20.57
C GLU B 28 1.86 -11.40 -22.09
N GLU B 29 0.76 -10.91 -22.64
CA GLU B 29 0.63 -10.77 -24.09
C GLU B 29 1.50 -9.61 -24.57
N SER B 30 1.89 -9.65 -25.84
CA SER B 30 2.93 -8.76 -26.34
C SER B 30 2.54 -7.96 -27.57
N VAL B 31 1.74 -8.52 -28.47
CA VAL B 31 1.61 -7.92 -29.79
C VAL B 31 0.57 -6.79 -29.81
N GLN B 32 -0.50 -6.91 -29.02
CA GLN B 32 -1.54 -5.85 -28.99
C GLN B 32 -1.06 -4.49 -28.46
N HIS B 33 -0.23 -4.58 -27.43
CA HIS B 33 0.20 -3.52 -26.49
C HIS B 33 -0.87 -3.14 -25.48
N HIS B 34 -2.08 -3.71 -25.63
CA HIS B 34 -3.18 -3.74 -24.65
C HIS B 34 -3.59 -2.35 -24.14
N LEU B 35 -3.31 -1.29 -24.90
CA LEU B 35 -3.76 0.07 -24.63
C LEU B 35 -3.33 0.54 -23.22
N SER B 36 -2.02 0.75 -23.08
CA SER B 36 -1.27 0.87 -21.82
C SER B 36 -1.92 1.69 -20.70
N GLY B 37 -2.78 2.64 -21.07
CA GLY B 37 -3.71 3.22 -20.11
C GLY B 37 -4.57 2.20 -19.38
N CYS B 38 -4.87 1.06 -20.03
CA CYS B 38 -5.55 -0.03 -19.33
C CYS B 38 -4.67 -0.59 -18.21
N ILE B 39 -3.38 -0.75 -18.47
CA ILE B 39 -2.45 -1.22 -17.45
C ILE B 39 -2.32 -0.20 -16.32
N ARG B 40 -2.09 1.05 -16.58
CA ARG B 40 -1.99 2.10 -15.56
C ARG B 40 -3.27 2.24 -14.76
N LEU B 41 -4.42 2.18 -15.45
CA LEU B 41 -5.69 2.28 -14.74
C LEU B 41 -6.00 1.03 -13.94
N ASP B 42 -5.55 -0.15 -14.39
CA ASP B 42 -5.74 -1.36 -13.60
C ASP B 42 -4.89 -1.34 -12.34
N ARG B 43 -3.66 -0.81 -12.45
CA ARG B 43 -2.82 -0.66 -11.26
C ARG B 43 -3.42 0.34 -10.27
N GLU B 44 -3.83 1.51 -10.76
CA GLU B 44 -4.38 2.53 -9.88
C GLU B 44 -5.73 2.10 -9.28
N CYS B 45 -6.52 1.33 -10.04
CA CYS B 45 -7.78 0.82 -9.51
C CYS B 45 -7.57 -0.25 -8.46
N ALA B 46 -6.58 -1.13 -8.66
CA ALA B 46 -6.27 -2.13 -7.64
C ALA B 46 -5.72 -1.48 -6.38
N ASP B 47 -4.96 -0.39 -6.52
CA ASP B 47 -4.42 0.28 -5.34
C ASP B 47 -5.49 1.06 -4.59
N ILE B 48 -6.39 1.75 -5.31
CA ILE B 48 -7.45 2.48 -4.62
C ILE B 48 -8.48 1.50 -4.04
N CYS B 49 -8.65 0.32 -4.64
CA CYS B 49 -9.56 -0.66 -4.06
C CYS B 49 -8.93 -1.37 -2.86
N ALA B 50 -7.61 -1.54 -2.86
CA ALA B 50 -6.92 -2.04 -1.67
C ALA B 50 -7.02 -1.03 -0.52
N LEU B 51 -6.86 0.26 -0.83
CA LEU B 51 -7.05 1.29 0.19
C LEU B 51 -8.51 1.37 0.66
N ALA B 52 -9.46 1.16 -0.24
CA ALA B 52 -10.87 1.21 0.15
C ALA B 52 -11.24 0.03 1.01
N VAL B 53 -10.68 -1.15 0.72
CA VAL B 53 -10.86 -2.32 1.58
C VAL B 53 -10.24 -2.07 2.95
N LYS B 54 -9.05 -1.46 2.98
CA LYS B 54 -8.39 -1.15 4.24
C LYS B 54 -9.18 -0.12 5.05
N ALA B 55 -9.82 0.84 4.37
CA ALA B 55 -10.55 1.88 5.08
C ALA B 55 -11.92 1.39 5.53
N MET B 56 -12.54 0.49 4.78
CA MET B 56 -13.82 -0.06 5.21
C MET B 56 -13.65 -1.13 6.29
N GLN B 57 -12.53 -1.85 6.28
CA GLN B 57 -12.28 -2.85 7.30
C GLN B 57 -11.79 -2.24 8.61
N THR B 58 -11.28 -1.02 8.58
CA THR B 58 -10.79 -0.36 9.79
C THR B 58 -11.76 0.64 10.37
N ASP B 59 -12.93 0.82 9.75
CA ASP B 59 -13.98 1.76 10.17
C ASP B 59 -13.46 3.19 10.26
N SER B 60 -12.83 3.65 9.19
CA SER B 60 -12.24 4.97 9.17
C SER B 60 -13.32 6.05 9.06
N PRO B 61 -13.07 7.25 9.55
CA PRO B 61 -14.02 8.35 9.35
C PRO B 61 -14.05 8.91 7.94
N PHE B 62 -13.17 8.46 7.05
CA PHE B 62 -13.14 8.88 5.66
C PHE B 62 -13.53 7.74 4.74
N MET B 63 -14.54 6.96 5.15
CA MET B 63 -14.97 5.81 4.37
C MET B 63 -15.70 6.25 3.09
N LYS B 64 -16.57 7.25 3.20
CA LYS B 64 -17.41 7.63 2.06
C LYS B 64 -16.61 8.34 0.98
N GLU B 65 -15.62 9.14 1.37
CA GLU B 65 -14.81 9.85 0.38
C GLU B 65 -13.90 8.92 -0.38
N ILE B 66 -13.28 7.95 0.32
CA ILE B 66 -12.46 6.94 -0.33
C ILE B 66 -13.32 6.06 -1.22
N CYS B 67 -14.55 5.77 -0.80
CA CYS B 67 -15.44 4.96 -1.63
C CYS B 67 -15.94 5.72 -2.85
N ALA B 68 -16.12 7.05 -2.75
CA ALA B 68 -16.52 7.83 -3.92
C ALA B 68 -15.38 7.95 -4.92
N LEU B 69 -14.15 8.13 -4.43
CA LEU B 69 -12.99 8.13 -5.31
C LEU B 69 -12.79 6.76 -5.96
N CYS B 70 -13.02 5.68 -5.21
CA CYS B 70 -12.94 4.33 -5.75
C CYS B 70 -14.03 4.09 -6.79
N ALA B 71 -15.21 4.71 -6.60
CA ALA B 71 -16.27 4.62 -7.59
C ALA B 71 -15.88 5.31 -8.89
N ASP B 72 -15.26 6.50 -8.79
CA ASP B 72 -14.80 7.21 -9.99
C ASP B 72 -13.72 6.43 -10.73
N ILE B 73 -12.74 5.91 -9.99
CA ILE B 73 -11.64 5.18 -10.63
C ILE B 73 -12.13 3.85 -11.20
N CYS B 74 -13.10 3.20 -10.54
CA CYS B 74 -13.64 1.96 -11.05
C CYS B 74 -14.51 2.19 -12.28
N GLU B 75 -15.26 3.31 -12.33
CA GLU B 75 -15.99 3.68 -13.54
C GLU B 75 -15.06 3.91 -14.72
N ALA B 76 -13.94 4.63 -14.48
CA ALA B 76 -13.00 4.89 -15.57
C ALA B 76 -12.27 3.62 -16.01
N CYS B 77 -11.91 2.76 -15.06
CA CYS B 77 -11.21 1.52 -15.40
C CYS B 77 -12.12 0.55 -16.13
N GLY B 78 -13.41 0.51 -15.75
CA GLY B 78 -14.35 -0.30 -16.49
C GLY B 78 -14.62 0.22 -17.89
N THR B 79 -14.72 1.56 -18.03
CA THR B 79 -14.97 2.14 -19.34
C THR B 79 -13.77 1.99 -20.26
N GLU B 80 -12.56 1.93 -19.71
CA GLU B 80 -11.39 1.71 -20.54
C GLU B 80 -11.11 0.24 -20.81
N CYS B 81 -11.44 -0.66 -19.89
CA CYS B 81 -11.22 -2.09 -20.11
C CYS B 81 -12.33 -2.74 -20.93
N GLY B 82 -13.51 -2.11 -21.02
CA GLY B 82 -14.57 -2.66 -21.84
C GLY B 82 -14.36 -2.51 -23.33
N LYS B 83 -13.38 -1.72 -23.75
CA LYS B 83 -13.08 -1.53 -25.16
C LYS B 83 -12.17 -2.61 -25.73
N HIS B 84 -11.89 -3.66 -24.97
CA HIS B 84 -10.95 -4.70 -25.38
C HIS B 84 -11.69 -6.01 -25.64
N ASP B 85 -11.05 -6.89 -26.39
CA ASP B 85 -11.66 -8.14 -26.84
C ASP B 85 -11.29 -9.32 -25.97
N HIS B 86 -10.30 -9.16 -25.10
CA HIS B 86 -9.86 -10.27 -24.25
C HIS B 86 -10.87 -10.52 -23.14
N ASP B 87 -10.93 -11.79 -22.71
CA ASP B 87 -11.92 -12.20 -21.71
C ASP B 87 -11.59 -11.68 -20.32
N HIS B 88 -10.30 -11.61 -19.99
CA HIS B 88 -9.91 -11.07 -18.69
C HIS B 88 -10.21 -9.58 -18.59
N CYS B 89 -10.11 -8.85 -19.71
CA CYS B 89 -10.46 -7.43 -19.70
C CYS B 89 -11.96 -7.24 -19.55
N GLN B 90 -12.77 -8.13 -20.13
CA GLN B 90 -14.22 -8.05 -19.95
C GLN B 90 -14.63 -8.40 -18.53
N ALA B 91 -13.95 -9.38 -17.92
CA ALA B 91 -14.21 -9.69 -16.52
C ALA B 91 -13.78 -8.55 -15.61
N CYS B 92 -12.67 -7.89 -15.95
CA CYS B 92 -12.21 -6.73 -15.19
C CYS B 92 -13.21 -5.58 -15.31
N ALA B 93 -13.76 -5.37 -16.50
CA ALA B 93 -14.75 -4.30 -16.70
C ALA B 93 -16.04 -4.60 -15.96
N LYS B 94 -16.47 -5.86 -15.96
CA LYS B 94 -17.72 -6.21 -15.25
C LYS B 94 -17.55 -6.07 -13.75
N ALA B 95 -16.40 -6.52 -13.20
CA ALA B 95 -16.14 -6.35 -11.78
C ALA B 95 -15.96 -4.88 -11.40
N CYS B 96 -15.39 -4.08 -12.30
CA CYS B 96 -15.21 -2.66 -12.01
C CYS B 96 -16.53 -1.92 -12.02
N PHE B 97 -17.43 -2.26 -12.94
CA PHE B 97 -18.74 -1.63 -12.94
C PHE B 97 -19.60 -2.09 -11.77
N THR B 98 -19.45 -3.35 -11.33
CA THR B 98 -20.14 -3.81 -10.15
C THR B 98 -19.65 -3.09 -8.89
N CYS B 99 -18.32 -2.96 -8.75
CA CYS B 99 -17.76 -2.21 -7.63
C CYS B 99 -18.11 -0.73 -7.69
N ALA B 100 -18.25 -0.19 -8.91
CA ALA B 100 -18.60 1.22 -9.07
C ALA B 100 -20.03 1.48 -8.66
N GLU B 101 -20.97 0.63 -9.08
CA GLU B 101 -22.35 0.82 -8.67
C GLU B 101 -22.54 0.51 -7.19
N GLN B 102 -21.73 -0.40 -6.63
CA GLN B 102 -21.79 -0.66 -5.20
C GLN B 102 -21.27 0.51 -4.38
N CYS B 103 -20.18 1.14 -4.83
CA CYS B 103 -19.64 2.29 -4.11
C CYS B 103 -20.51 3.53 -4.29
N ARG B 104 -21.18 3.68 -5.45
CA ARG B 104 -22.08 4.80 -5.63
C ARG B 104 -23.38 4.62 -4.86
N SER B 105 -23.85 3.35 -4.71
CA SER B 105 -25.02 3.10 -3.86
C SER B 105 -24.67 3.17 -2.38
N MET B 106 -23.39 2.98 -2.06
CA MET B 106 -22.97 3.02 -0.66
C MET B 106 -22.82 4.45 -0.16
N ALA B 107 -21.95 5.24 -0.80
CA ALA B 107 -21.69 6.61 -0.37
C ALA B 107 -22.87 7.49 -0.77
N ALA B 108 -23.34 8.30 0.17
CA ALA B 108 -24.47 9.18 -0.07
C ALA B 108 -24.39 10.43 0.80
N GLN C 3 17.91 7.35 13.29
CA GLN C 3 18.73 8.06 12.33
C GLN C 3 19.72 7.11 11.66
N TYR C 4 19.79 5.88 12.18
CA TYR C 4 20.72 4.88 11.65
C TYR C 4 20.19 4.19 10.39
N SER C 5 18.96 4.49 9.97
CA SER C 5 18.40 3.97 8.73
C SER C 5 17.95 5.08 7.80
N GLU C 6 18.30 6.33 8.10
CA GLU C 6 17.84 7.49 7.32
C GLU C 6 18.45 7.51 5.92
N ALA C 7 19.71 7.07 5.79
CA ALA C 7 20.33 6.96 4.48
C ALA C 7 19.62 5.92 3.62
N CYS C 8 19.24 4.80 4.23
CA CYS C 8 18.48 3.78 3.50
C CYS C 8 17.07 4.27 3.20
N ILE C 9 16.49 5.11 4.05
CA ILE C 9 15.16 5.67 3.78
C ILE C 9 15.20 6.59 2.58
N GLU C 10 16.20 7.47 2.52
CA GLU C 10 16.32 8.39 1.38
C GLU C 10 16.69 7.64 0.11
N ALA C 11 17.51 6.59 0.22
CA ALA C 11 17.84 5.79 -0.95
C ALA C 11 16.63 5.02 -1.47
N CYS C 12 15.78 4.54 -0.55
CA CYS C 12 14.58 3.82 -0.99
C CYS C 12 13.52 4.76 -1.52
N ILE C 13 13.48 6.00 -1.05
CA ILE C 13 12.56 6.99 -1.63
C ILE C 13 13.00 7.37 -3.04
N ASP C 14 14.30 7.54 -3.25
CA ASP C 14 14.82 7.78 -4.60
C ASP C 14 14.60 6.58 -5.50
N CYS C 15 14.68 5.36 -4.94
CA CYS C 15 14.42 4.17 -5.74
C CYS C 15 12.94 4.00 -6.07
N MET C 16 12.05 4.41 -5.16
CA MET C 16 10.62 4.47 -5.44
C MET C 16 10.33 5.42 -6.59
N LYS C 17 10.93 6.62 -6.54
CA LYS C 17 10.71 7.61 -7.59
C LYS C 17 11.26 7.15 -8.92
N ALA C 18 12.42 6.49 -8.91
CA ALA C 18 13.01 6.00 -10.14
C ALA C 18 12.20 4.85 -10.74
N CYS C 19 11.68 3.97 -9.89
CA CYS C 19 10.88 2.85 -10.38
C CYS C 19 9.53 3.31 -10.91
N ASN C 20 8.90 4.28 -10.26
CA ASN C 20 7.64 4.81 -10.76
C ASN C 20 7.84 5.61 -12.05
N HIS C 21 8.95 6.33 -12.15
CA HIS C 21 9.26 7.05 -13.39
C HIS C 21 9.55 6.09 -14.53
N CYS C 22 10.25 4.99 -14.26
CA CYS C 22 10.49 3.99 -15.29
C CYS C 22 9.21 3.26 -15.68
N PHE C 23 8.30 3.07 -14.72
CA PHE C 23 6.98 2.51 -15.01
C PHE C 23 6.19 3.39 -15.96
N THR C 24 6.06 4.67 -15.62
CA THR C 24 5.32 5.60 -16.46
C THR C 24 5.95 5.80 -17.83
N LYS C 25 7.27 5.95 -17.91
CA LYS C 25 7.91 6.14 -19.20
C LYS C 25 8.04 4.84 -20.00
N CYS C 26 7.90 3.68 -19.36
CA CYS C 26 7.76 2.45 -20.13
C CYS C 26 6.34 2.26 -20.63
N LEU C 27 5.32 2.76 -19.89
CA LEU C 27 3.94 2.66 -20.35
C LEU C 27 3.65 3.67 -21.47
N GLU C 28 4.42 4.75 -21.52
CA GLU C 28 4.17 5.75 -22.56
C GLU C 28 4.61 5.26 -23.93
N GLU C 29 5.81 4.68 -24.01
CA GLU C 29 6.31 4.17 -25.29
C GLU C 29 5.57 2.89 -25.67
N SER C 30 5.54 2.61 -26.96
CA SER C 30 4.63 1.58 -27.48
C SER C 30 5.32 0.50 -28.31
N VAL C 31 6.35 0.85 -29.07
CA VAL C 31 6.81 -0.07 -30.11
C VAL C 31 7.78 -1.12 -29.55
N GLN C 32 8.59 -0.78 -28.56
CA GLN C 32 9.54 -1.75 -27.98
C GLN C 32 8.90 -2.95 -27.26
N HIS C 33 7.82 -2.63 -26.56
CA HIS C 33 7.11 -3.43 -25.53
C HIS C 33 7.87 -3.49 -24.21
N HIS C 34 9.07 -2.94 -24.16
CA HIS C 34 9.87 -2.61 -22.96
C HIS C 34 10.07 -3.81 -22.02
N LEU C 35 9.98 -5.05 -22.53
CA LEU C 35 10.29 -6.27 -21.80
C LEU C 35 9.49 -6.38 -20.50
N SER C 36 8.18 -6.59 -20.66
CA SER C 36 7.11 -6.41 -19.67
C SER C 36 7.39 -6.89 -18.25
N GLY C 37 8.29 -7.87 -18.11
CA GLY C 37 8.90 -8.15 -16.82
C GLY C 37 9.57 -6.95 -16.17
N CYS C 38 10.08 -6.00 -16.98
CA CYS C 38 10.58 -4.75 -16.44
C CYS C 38 9.46 -3.94 -15.77
N ILE C 39 8.28 -3.92 -16.41
CA ILE C 39 7.12 -3.22 -15.83
C ILE C 39 6.67 -3.92 -14.56
N ARG C 40 6.47 -5.20 -14.54
CA ARG C 40 6.05 -5.96 -13.36
C ARG C 40 7.07 -5.85 -12.23
N LEU C 41 8.36 -5.91 -12.57
CA LEU C 41 9.39 -5.79 -11.54
C LEU C 41 9.50 -4.36 -11.04
N ASP C 42 9.25 -3.36 -11.88
CA ASP C 42 9.26 -1.97 -11.41
C ASP C 42 8.10 -1.71 -10.47
N ARG C 43 6.93 -2.28 -10.76
CA ARG C 43 5.80 -2.16 -9.84
C ARG C 43 6.07 -2.85 -8.51
N GLU C 44 6.55 -4.10 -8.55
CA GLU C 44 6.81 -4.83 -7.32
C GLU C 44 7.94 -4.21 -6.52
N CYS C 45 8.94 -3.63 -7.20
CA CYS C 45 10.04 -2.96 -6.50
C CYS C 45 9.58 -1.67 -5.86
N ALA C 46 8.71 -0.91 -6.54
CA ALA C 46 8.18 0.31 -5.94
C ALA C 46 7.29 0.00 -4.75
N ASP C 47 6.55 -1.12 -4.80
CA ASP C 47 5.69 -1.48 -3.69
C ASP C 47 6.48 -2.02 -2.49
N ILE C 48 7.52 -2.82 -2.74
CA ILE C 48 8.32 -3.31 -1.63
C ILE C 48 9.19 -2.19 -1.06
N CYS C 49 9.55 -1.19 -1.88
CA CYS C 49 10.31 -0.06 -1.34
C CYS C 49 9.42 0.91 -0.59
N ALA C 50 8.14 1.03 -0.99
CA ALA C 50 7.19 1.79 -0.19
C ALA C 50 6.93 1.12 1.15
N LEU C 51 6.82 -0.22 1.16
CA LEU C 51 6.68 -0.94 2.42
C LEU C 51 7.94 -0.85 3.27
N ALA C 52 9.12 -0.84 2.64
CA ALA C 52 10.37 -0.74 3.39
C ALA C 52 10.53 0.65 3.99
N VAL C 53 10.11 1.69 3.27
CA VAL C 53 10.11 3.04 3.82
C VAL C 53 9.12 3.13 4.98
N LYS C 54 7.95 2.51 4.84
CA LYS C 54 6.97 2.50 5.91
C LYS C 54 7.46 1.74 7.14
N ALA C 55 8.23 0.66 6.93
CA ALA C 55 8.70 -0.12 8.06
C ALA C 55 9.92 0.50 8.72
N MET C 56 10.75 1.21 7.96
CA MET C 56 11.88 1.91 8.56
C MET C 56 11.47 3.20 9.25
N GLN C 57 10.42 3.86 8.75
CA GLN C 57 9.93 5.07 9.37
C GLN C 57 9.08 4.82 10.60
N THR C 58 8.57 3.60 10.76
CA THR C 58 7.74 3.25 11.91
C THR C 58 8.48 2.47 12.98
N ASP C 59 9.77 2.18 12.76
CA ASP C 59 10.64 1.42 13.67
C ASP C 59 10.04 0.06 13.99
N SER C 60 9.72 -0.69 12.94
CA SER C 60 9.10 -1.99 13.10
C SER C 60 10.14 -3.02 13.57
N PRO C 61 9.71 -4.07 14.27
CA PRO C 61 10.65 -5.16 14.62
C PRO C 61 11.04 -6.05 13.47
N PHE C 62 10.44 -5.88 12.29
CA PHE C 62 10.79 -6.65 11.10
C PHE C 62 11.45 -5.76 10.05
N MET C 63 12.33 -4.87 10.51
CA MET C 63 13.01 -3.95 9.61
C MET C 63 14.03 -4.66 8.73
N LYS C 64 14.81 -5.57 9.33
CA LYS C 64 15.91 -6.20 8.60
C LYS C 64 15.40 -7.20 7.56
N GLU C 65 14.31 -7.91 7.86
CA GLU C 65 13.79 -8.88 6.91
C GLU C 65 13.15 -8.20 5.71
N ILE C 66 12.40 -7.12 5.95
CA ILE C 66 11.83 -6.34 4.85
C ILE C 66 12.93 -5.68 4.04
N CYS C 67 14.00 -5.24 4.69
CA CYS C 67 15.12 -4.65 3.95
C CYS C 67 15.90 -5.69 3.15
N ALA C 68 15.99 -6.92 3.63
CA ALA C 68 16.67 -7.97 2.86
C ALA C 68 15.83 -8.38 1.65
N LEU C 69 14.52 -8.48 1.82
CA LEU C 69 13.64 -8.74 0.68
C LEU C 69 13.67 -7.60 -0.32
N CYS C 70 13.73 -6.35 0.16
CA CYS C 70 13.85 -5.20 -0.71
C CYS C 70 15.19 -5.20 -1.44
N ALA C 71 16.25 -5.68 -0.78
CA ALA C 71 17.55 -5.82 -1.44
C ALA C 71 17.49 -6.85 -2.57
N ASP C 72 16.82 -7.98 -2.34
CA ASP C 72 16.69 -8.99 -3.40
C ASP C 72 15.86 -8.48 -4.58
N ILE C 73 14.74 -7.81 -4.30
CA ILE C 73 13.89 -7.31 -5.37
C ILE C 73 14.57 -6.16 -6.11
N CYS C 74 15.34 -5.34 -5.40
CA CYS C 74 16.05 -4.24 -6.05
C CYS C 74 17.21 -4.76 -6.89
N GLU C 75 17.90 -5.82 -6.45
CA GLU C 75 18.93 -6.46 -7.27
C GLU C 75 18.33 -7.01 -8.56
N ALA C 76 17.16 -7.70 -8.46
CA ALA C 76 16.54 -8.26 -9.66
C ALA C 76 16.01 -7.17 -10.59
N CYS C 77 15.44 -6.11 -10.03
CA CYS C 77 14.90 -5.02 -10.85
C CYS C 77 16.02 -4.24 -11.53
N GLY C 78 17.15 -4.06 -10.85
CA GLY C 78 18.29 -3.43 -11.48
C GLY C 78 18.90 -4.29 -12.58
N THR C 79 18.99 -5.60 -12.34
CA THR C 79 19.56 -6.50 -13.33
C THR C 79 18.67 -6.64 -14.55
N GLU C 80 17.35 -6.47 -14.38
CA GLU C 80 16.45 -6.52 -15.52
C GLU C 80 16.32 -5.18 -16.23
N CYS C 81 16.42 -4.06 -15.52
CA CYS C 81 16.33 -2.75 -16.15
C CYS C 81 17.64 -2.29 -16.77
N GLY C 82 18.77 -2.88 -16.38
CA GLY C 82 20.04 -2.52 -16.99
C GLY C 82 20.23 -3.06 -18.39
N LYS C 83 19.37 -3.97 -18.85
CA LYS C 83 19.45 -4.53 -20.19
C LYS C 83 18.77 -3.65 -21.24
N HIS C 84 18.34 -2.46 -20.88
CA HIS C 84 17.59 -1.60 -21.78
C HIS C 84 18.41 -0.37 -22.16
N ASP C 85 18.04 0.26 -23.26
CA ASP C 85 18.79 1.37 -23.83
C ASP C 85 18.24 2.73 -23.43
N HIS C 86 17.04 2.77 -22.85
CA HIS C 86 16.43 4.02 -22.46
C HIS C 86 17.11 4.61 -21.23
N ASP C 87 17.10 5.94 -21.13
CA ASP C 87 17.79 6.63 -20.05
C ASP C 87 17.08 6.47 -18.71
N HIS C 88 15.74 6.44 -18.73
CA HIS C 88 14.99 6.23 -17.49
C HIS C 88 15.20 4.83 -16.94
N CYS C 89 15.39 3.85 -17.81
CA CYS C 89 15.67 2.49 -17.35
C CYS C 89 17.07 2.39 -16.75
N GLN C 90 18.04 3.13 -17.30
CA GLN C 90 19.38 3.14 -16.72
C GLN C 90 19.39 3.87 -15.38
N ALA C 91 18.62 4.95 -15.25
CA ALA C 91 18.49 5.62 -13.97
C ALA C 91 17.80 4.74 -12.94
N CYS C 92 16.79 3.97 -13.39
CA CYS C 92 16.11 3.02 -12.51
C CYS C 92 17.05 1.92 -12.06
N ALA C 93 17.91 1.43 -12.95
CA ALA C 93 18.86 0.39 -12.60
C ALA C 93 19.92 0.91 -11.64
N LYS C 94 20.39 2.15 -11.84
CA LYS C 94 21.39 2.71 -10.94
C LYS C 94 20.82 2.97 -9.56
N ALA C 95 19.60 3.49 -9.47
CA ALA C 95 18.95 3.69 -8.18
C ALA C 95 18.62 2.37 -7.50
N CYS C 96 18.28 1.33 -8.29
CA CYS C 96 17.98 0.03 -7.70
C CYS C 96 19.23 -0.64 -7.16
N PHE C 97 20.35 -0.51 -7.85
CA PHE C 97 21.59 -1.09 -7.34
C PHE C 97 22.13 -0.30 -6.14
N THR C 98 21.90 1.02 -6.10
CA THR C 98 22.27 1.80 -4.93
C THR C 98 21.42 1.41 -3.71
N CYS C 99 20.10 1.26 -3.91
CA CYS C 99 19.23 0.81 -2.83
C CYS C 99 19.53 -0.63 -2.41
N ALA C 100 19.97 -1.45 -3.36
CA ALA C 100 20.30 -2.83 -3.06
C ALA C 100 21.57 -2.93 -2.22
N GLU C 101 22.61 -2.19 -2.58
CA GLU C 101 23.83 -2.22 -1.77
C GLU C 101 23.62 -1.52 -0.42
N GLN C 102 22.71 -0.54 -0.36
CA GLN C 102 22.40 0.09 0.92
C GLN C 102 21.63 -0.85 1.83
N CYS C 103 20.67 -1.62 1.28
CA CYS C 103 19.92 -2.56 2.11
C CYS C 103 20.77 -3.77 2.49
N ARG C 104 21.71 -4.18 1.63
CA ARG C 104 22.59 -5.29 2.00
C ARG C 104 23.64 -4.85 3.02
N SER C 105 24.10 -3.59 2.96
CA SER C 105 25.00 -3.08 4.00
C SER C 105 24.25 -2.79 5.29
N MET C 106 22.94 -2.56 5.20
CA MET C 106 22.15 -2.25 6.39
C MET C 106 21.83 -3.52 7.19
N ALA C 107 21.14 -4.46 6.56
CA ALA C 107 20.73 -5.69 7.24
C ALA C 107 21.93 -6.60 7.41
N ALA C 108 22.10 -7.12 8.62
CA ALA C 108 23.22 -8.00 8.93
C ALA C 108 22.85 -8.98 10.04
N GLN D 3 7.21 18.07 -13.16
CA GLN D 3 7.90 18.90 -12.18
C GLN D 3 6.93 19.87 -11.52
N TYR D 4 5.71 19.93 -12.03
CA TYR D 4 4.70 20.84 -11.50
C TYR D 4 4.00 20.30 -10.26
N SER D 5 4.32 19.07 -9.84
CA SER D 5 3.79 18.50 -8.61
C SER D 5 4.91 18.05 -7.67
N GLU D 6 6.16 18.42 -7.97
CA GLU D 6 7.31 17.97 -7.18
C GLU D 6 7.32 18.57 -5.79
N ALA D 7 6.87 19.82 -5.65
CA ALA D 7 6.74 20.43 -4.33
C ALA D 7 5.70 19.71 -3.49
N CYS D 8 4.59 19.32 -4.10
CA CYS D 8 3.58 18.54 -3.39
C CYS D 8 4.07 17.14 -3.08
N ILE D 9 4.93 16.57 -3.93
CA ILE D 9 5.50 15.25 -3.67
C ILE D 9 6.42 15.29 -2.45
N GLU D 10 7.29 16.31 -2.39
CA GLU D 10 8.20 16.43 -1.24
C GLU D 10 7.44 16.78 0.03
N ALA D 11 6.38 17.59 -0.08
CA ALA D 11 5.56 17.91 1.08
C ALA D 11 4.81 16.68 1.58
N CYS D 12 4.34 15.83 0.67
CA CYS D 12 3.63 14.63 1.09
C CYS D 12 4.59 13.57 1.63
N ILE D 13 5.84 13.54 1.16
CA ILE D 13 6.83 12.63 1.74
C ILE D 13 7.19 13.07 3.15
N ASP D 14 7.35 14.37 3.36
CA ASP D 14 7.57 14.89 4.72
C ASP D 14 6.37 14.65 5.62
N CYS D 15 5.16 14.71 5.06
CA CYS D 15 3.96 14.44 5.84
C CYS D 15 3.82 12.95 6.16
N MET D 16 4.24 12.07 5.24
CA MET D 16 4.31 10.64 5.52
C MET D 16 5.25 10.36 6.68
N LYS D 17 6.45 10.97 6.64
CA LYS D 17 7.44 10.75 7.68
C LYS D 17 6.97 11.29 9.02
N ALA D 18 6.29 12.45 9.01
CA ALA D 18 5.79 13.02 10.25
C ALA D 18 4.65 12.19 10.82
N CYS D 19 3.77 11.68 9.96
CA CYS D 19 2.65 10.86 10.46
C CYS D 19 3.14 9.51 10.99
N ASN D 20 4.11 8.90 10.32
CA ASN D 20 4.66 7.64 10.82
C ASN D 20 5.45 7.84 12.12
N HIS D 21 6.15 8.97 12.24
CA HIS D 21 6.87 9.26 13.47
C HIS D 21 5.90 9.54 14.62
N CYS D 22 4.79 10.23 14.35
CA CYS D 22 3.78 10.46 15.37
C CYS D 22 3.07 9.16 15.75
N PHE D 23 2.89 8.26 14.79
CA PHE D 23 2.34 6.93 15.06
C PHE D 23 3.23 6.14 16.02
N THR D 24 4.51 6.04 15.68
CA THR D 24 5.44 5.30 16.52
C THR D 24 5.63 5.93 17.90
N LYS D 25 5.76 7.25 17.98
CA LYS D 25 5.94 7.88 19.27
C LYS D 25 4.64 7.99 20.06
N CYS D 26 3.48 7.83 19.42
CA CYS D 26 2.24 7.67 20.19
C CYS D 26 2.08 6.24 20.67
N LEU D 27 2.58 5.24 19.93
CA LEU D 27 2.49 3.87 20.39
C LEU D 27 3.50 3.58 21.50
N GLU D 28 4.58 4.36 21.58
CA GLU D 28 5.57 4.11 22.62
C GLU D 28 5.07 4.55 23.98
N GLU D 29 4.48 5.73 24.07
CA GLU D 29 3.96 6.22 25.34
C GLU D 29 2.69 5.46 25.71
N SER D 30 2.39 5.42 27.00
CA SER D 30 1.37 4.50 27.50
C SER D 30 0.28 5.17 28.34
N VAL D 31 0.61 6.20 29.12
CA VAL D 31 -0.32 6.65 30.15
C VAL D 31 -1.39 7.61 29.58
N GLN D 32 -1.04 8.42 28.60
CA GLN D 32 -2.02 9.37 28.02
C GLN D 32 -3.20 8.71 27.29
N HIS D 33 -2.87 7.64 26.58
CA HIS D 33 -3.65 6.93 25.56
C HIS D 33 -3.71 7.69 24.22
N HIS D 34 -3.19 8.91 24.20
CA HIS D 34 -2.86 9.72 23.00
C HIS D 34 -4.06 9.91 22.06
N LEU D 35 -5.29 9.79 22.56
CA LEU D 35 -6.52 10.09 21.83
C LEU D 35 -6.60 9.29 20.52
N SER D 36 -6.80 7.98 20.68
CA SER D 36 -6.60 6.92 19.67
C SER D 36 -7.08 7.21 18.25
N GLY D 37 -8.07 8.10 18.11
CA GLY D 37 -8.35 8.71 16.83
C GLY D 37 -7.15 9.40 16.19
N CYS D 38 -6.21 9.91 17.01
CA CYS D 38 -4.96 10.42 16.46
C CYS D 38 -4.14 9.32 15.81
N ILE D 39 -4.10 8.14 16.43
CA ILE D 39 -3.40 7.00 15.86
C ILE D 39 -4.08 6.54 14.58
N ARG D 40 -5.36 6.33 14.54
CA ARG D 40 -6.11 5.91 13.36
C ARG D 40 -6.00 6.93 12.24
N LEU D 41 -6.08 8.22 12.57
CA LEU D 41 -5.96 9.25 11.56
C LEU D 41 -4.54 9.39 11.06
N ASP D 42 -3.53 9.14 11.90
CA ASP D 42 -2.15 9.18 11.45
C ASP D 42 -1.86 8.02 10.50
N ARG D 43 -2.43 6.84 10.78
CA ARG D 43 -2.28 5.71 9.86
C ARG D 43 -2.97 5.98 8.53
N GLU D 44 -4.22 6.45 8.57
CA GLU D 44 -4.95 6.71 7.32
C GLU D 44 -4.35 7.86 6.54
N CYS D 45 -3.78 8.86 7.22
CA CYS D 45 -3.12 9.96 6.55
C CYS D 45 -1.81 9.52 5.90
N ALA D 46 -1.05 8.66 6.58
CA ALA D 46 0.18 8.14 5.99
C ALA D 46 -0.12 7.26 4.79
N ASP D 47 -1.22 6.51 4.84
CA ASP D 47 -1.57 5.65 3.71
C ASP D 47 -2.11 6.44 2.52
N ILE D 48 -2.93 7.48 2.77
CA ILE D 48 -3.42 8.28 1.65
C ILE D 48 -2.31 9.16 1.09
N CYS D 49 -1.32 9.53 1.92
CA CYS D 49 -0.19 10.31 1.39
C CYS D 49 0.79 9.42 0.64
N ALA D 50 0.92 8.15 1.04
CA ALA D 50 1.70 7.20 0.24
C ALA D 50 1.04 6.95 -1.11
N LEU D 51 -0.29 6.82 -1.12
CA LEU D 51 -1.00 6.68 -2.40
C LEU D 51 -0.93 7.96 -3.23
N ALA D 52 -0.94 9.12 -2.59
CA ALA D 52 -0.85 10.37 -3.34
C ALA D 52 0.54 10.57 -3.93
N VAL D 53 1.58 10.15 -3.21
CA VAL D 53 2.94 10.16 -3.74
C VAL D 53 3.05 9.19 -4.91
N LYS D 54 2.44 8.01 -4.78
CA LYS D 54 2.45 7.03 -5.87
C LYS D 54 1.69 7.53 -7.09
N ALA D 55 0.61 8.27 -6.88
CA ALA D 55 -0.18 8.74 -8.01
C ALA D 55 0.43 9.97 -8.66
N MET D 56 1.13 10.81 -7.89
CA MET D 56 1.81 11.95 -8.49
C MET D 56 3.11 11.55 -9.16
N GLN D 57 3.78 10.51 -8.66
CA GLN D 57 5.00 10.04 -9.28
C GLN D 57 4.76 9.20 -10.53
N THR D 58 3.56 8.67 -10.69
CA THR D 58 3.23 7.84 -11.85
C THR D 58 2.45 8.58 -12.92
N ASP D 59 2.14 9.87 -12.69
CA ASP D 59 1.37 10.73 -13.61
C ASP D 59 0.01 10.12 -13.94
N SER D 60 -0.74 9.79 -12.89
CA SER D 60 -2.04 9.16 -13.06
C SER D 60 -3.07 10.18 -13.52
N PRO D 61 -4.11 9.74 -14.24
CA PRO D 61 -5.20 10.66 -14.60
C PRO D 61 -6.11 11.05 -13.44
N PHE D 62 -5.94 10.44 -12.26
CA PHE D 62 -6.71 10.77 -11.08
C PHE D 62 -5.84 11.44 -10.03
N MET D 63 -4.97 12.34 -10.47
CA MET D 63 -4.05 13.01 -9.56
C MET D 63 -4.78 14.03 -8.69
N LYS D 64 -5.70 14.79 -9.27
CA LYS D 64 -6.35 15.88 -8.55
C LYS D 64 -7.35 15.36 -7.52
N GLU D 65 -8.04 14.26 -7.83
CA GLU D 65 -9.01 13.72 -6.88
C GLU D 65 -8.33 13.09 -5.68
N ILE D 66 -7.24 12.34 -5.91
CA ILE D 66 -6.45 11.77 -4.82
C ILE D 66 -5.81 12.88 -3.99
N CYS D 67 -5.39 13.97 -4.65
CA CYS D 67 -4.81 15.08 -3.90
C CYS D 67 -5.86 15.84 -3.10
N ALA D 68 -7.10 15.93 -3.59
CA ALA D 68 -8.15 16.59 -2.82
C ALA D 68 -8.57 15.74 -1.61
N LEU D 69 -8.64 14.42 -1.78
CA LEU D 69 -8.90 13.54 -0.65
C LEU D 69 -7.77 13.58 0.36
N CYS D 70 -6.52 13.65 -0.13
CA CYS D 70 -5.37 13.78 0.76
C CYS D 70 -5.38 15.11 1.49
N ALA D 71 -5.89 16.18 0.84
CA ALA D 71 -6.04 17.46 1.51
C ALA D 71 -7.07 17.39 2.63
N ASP D 72 -8.20 16.72 2.39
CA ASP D 72 -9.21 16.56 3.44
C ASP D 72 -8.70 15.74 4.61
N ILE D 73 -8.02 14.62 4.34
CA ILE D 73 -7.51 13.77 5.40
C ILE D 73 -6.37 14.46 6.16
N CYS D 74 -5.55 15.24 5.46
CA CYS D 74 -4.47 15.97 6.11
C CYS D 74 -5.00 17.11 6.97
N GLU D 75 -6.07 17.79 6.51
CA GLU D 75 -6.72 18.81 7.34
C GLU D 75 -7.28 18.20 8.62
N ALA D 76 -7.95 17.02 8.51
CA ALA D 76 -8.51 16.39 9.71
C ALA D 76 -7.42 15.87 10.64
N CYS D 77 -6.35 15.30 10.07
CA CYS D 77 -5.26 14.78 10.90
C CYS D 77 -4.50 15.90 11.59
N GLY D 78 -4.33 17.04 10.92
CA GLY D 78 -3.71 18.19 11.57
C GLY D 78 -4.59 18.78 12.65
N THR D 79 -5.90 18.85 12.40
CA THR D 79 -6.81 19.41 13.40
C THR D 79 -6.94 18.50 14.62
N GLU D 80 -6.77 17.19 14.43
CA GLU D 80 -6.81 16.29 15.58
C GLU D 80 -5.47 16.17 16.30
N CYS D 81 -4.34 16.28 15.58
CA CYS D 81 -3.04 16.20 16.23
C CYS D 81 -2.60 17.52 16.86
N GLY D 82 -3.19 18.64 16.46
CA GLY D 82 -2.85 19.91 17.08
C GLY D 82 -3.40 20.09 18.49
N LYS D 83 -4.30 19.22 18.93
CA LYS D 83 -4.87 19.28 20.26
C LYS D 83 -4.00 18.61 21.32
N HIS D 84 -2.79 18.19 20.97
CA HIS D 84 -1.92 17.44 21.86
C HIS D 84 -0.72 18.29 22.26
N ASP D 85 -0.08 17.91 23.36
CA ASP D 85 1.01 18.67 23.94
C ASP D 85 2.38 18.14 23.53
N HIS D 86 2.44 16.95 22.95
CA HIS D 86 3.70 16.35 22.57
C HIS D 86 4.28 17.05 21.34
N ASP D 87 5.62 17.05 21.26
CA ASP D 87 6.30 17.76 20.18
C ASP D 87 6.16 17.05 18.84
N HIS D 88 6.14 15.72 18.85
CA HIS D 88 5.96 14.97 17.60
C HIS D 88 4.55 15.16 17.05
N CYS D 89 3.56 15.34 17.92
CA CYS D 89 2.21 15.61 17.45
C CYS D 89 2.10 17.00 16.85
N GLN D 90 2.82 17.98 17.41
CA GLN D 90 2.82 19.32 16.85
C GLN D 90 3.55 19.36 15.51
N ALA D 91 4.64 18.59 15.39
CA ALA D 91 5.32 18.48 14.09
C ALA D 91 4.45 17.79 13.06
N CYS D 92 3.69 16.76 13.49
CA CYS D 92 2.76 16.07 12.62
C CYS D 92 1.65 17.00 12.15
N ALA D 93 1.15 17.85 13.06
CA ALA D 93 0.09 18.79 12.70
C ALA D 93 0.60 19.87 11.76
N LYS D 94 1.84 20.34 11.96
CA LYS D 94 2.39 21.37 11.07
C LYS D 94 2.66 20.81 9.68
N ALA D 95 3.21 19.58 9.60
CA ALA D 95 3.42 18.95 8.30
C ALA D 95 2.10 18.61 7.62
N CYS D 96 1.07 18.25 8.39
CA CYS D 96 -0.23 17.94 7.80
C CYS D 96 -0.91 19.18 7.26
N PHE D 97 -0.80 20.31 7.97
CA PHE D 97 -1.39 21.53 7.45
C PHE D 97 -0.60 22.08 6.26
N THR D 98 0.72 21.88 6.23
CA THR D 98 1.51 22.26 5.06
C THR D 98 1.13 21.41 3.84
N CYS D 99 1.00 20.09 4.03
CA CYS D 99 0.57 19.22 2.94
C CYS D 99 -0.87 19.51 2.52
N ALA D 100 -1.71 19.93 3.47
CA ALA D 100 -3.10 20.25 3.15
C ALA D 100 -3.20 21.51 2.31
N GLU D 101 -2.48 22.57 2.69
CA GLU D 101 -2.51 23.79 1.88
C GLU D 101 -1.81 23.59 0.55
N GLN D 102 -0.82 22.69 0.48
CA GLN D 102 -0.17 22.40 -0.79
C GLN D 102 -1.10 21.62 -1.73
N CYS D 103 -1.86 20.66 -1.18
CA CYS D 103 -2.79 19.90 -2.01
C CYS D 103 -4.01 20.73 -2.40
N ARG D 104 -4.44 21.67 -1.54
CA ARG D 104 -5.55 22.54 -1.90
C ARG D 104 -5.13 23.60 -2.91
N SER D 105 -3.86 24.07 -2.86
CA SER D 105 -3.37 24.98 -3.88
C SER D 105 -3.05 24.25 -5.17
N MET D 106 -2.81 22.94 -5.09
CA MET D 106 -2.49 22.16 -6.28
C MET D 106 -3.74 21.83 -7.08
N ALA D 107 -4.68 21.13 -6.47
CA ALA D 107 -5.90 20.70 -7.16
C ALA D 107 -6.83 21.89 -7.33
N ALA D 108 -7.34 22.07 -8.55
CA ALA D 108 -8.23 23.17 -8.84
C ALA D 108 -9.21 22.80 -9.96
#